data_8PUR
#
_entry.id   8PUR
#
_cell.length_a   108.290
_cell.length_b   63.060
_cell.length_c   54.750
_cell.angle_alpha   90.000
_cell.angle_beta   111.010
_cell.angle_gamma   90.000
#
_symmetry.space_group_name_H-M   'C 1 2 1'
#
loop_
_entity.id
_entity.type
_entity.pdbx_description
1 polymer 'Hemoglobin, alpha 1'
2 polymer 'Hemoglobin subunit beta'
3 non-polymer 'PROTOPORPHYRIN IX CONTAINING FE'
4 water water
#
loop_
_entity_poly.entity_id
_entity_poly.type
_entity_poly.pdbx_seq_one_letter_code
_entity_poly.pdbx_strand_id
1 'polypeptide(L)'
;VLSAADKTNVKAAWSKVGGHAGEFGAEALERMFLGFPTTKTYFPHFDLSHGSAQVKAHGKKVGDALTLAVGHLDDLPGAL
SDLSNLHAHKLRVDPVNFKLLSHCLLSTLAVHLPNDFTPAVHASLDKFLSSVSTVLTSKYR
;
A
2 'polypeptide(L)'
;VQLSGEEKAAVLALWDKVNEEEVGGEALGRLLVVYPWTQRFFDSFGDLSNPGAVMGNPKVKAHGKKVLHSFGEGVHHLDN
LKGTFAALSELHCDKLHVDPENFRLLGNVLVVVLARHFGKDFTPELQASYQKVVAGVANALAHKYH
;
B
#
loop_
_chem_comp.id
_chem_comp.type
_chem_comp.name
_chem_comp.formula
HEM non-polymer 'PROTOPORPHYRIN IX CONTAINING FE' 'C34 H32 Fe N4 O4'
#
# COMPACT_ATOMS: atom_id res chain seq x y z
N VAL A 1 -7.93 -5.28 16.40
CA VAL A 1 -7.24 -6.44 17.05
C VAL A 1 -6.97 -7.55 16.02
N LEU A 2 -6.00 -8.43 16.37
CA LEU A 2 -5.66 -9.63 15.61
C LEU A 2 -6.44 -10.82 16.17
N SER A 3 -7.29 -11.41 15.33
CA SER A 3 -7.91 -12.70 15.59
C SER A 3 -6.89 -13.81 15.56
N ALA A 4 -7.34 -14.98 16.04
CA ALA A 4 -6.51 -16.19 15.97
C ALA A 4 -6.11 -16.50 14.52
N ALA A 5 -7.05 -16.36 13.57
CA ALA A 5 -6.82 -16.60 12.14
C ALA A 5 -5.78 -15.62 11.54
N ASP A 6 -5.86 -14.32 11.93
CA ASP A 6 -4.86 -13.33 11.56
C ASP A 6 -3.50 -13.68 12.15
N LYS A 7 -3.45 -14.13 13.41
CA LYS A 7 -2.17 -14.54 14.00
C LYS A 7 -1.53 -15.71 13.24
N THR A 8 -2.38 -16.69 12.88
CA THR A 8 -1.88 -17.83 12.12
C THR A 8 -1.29 -17.37 10.79
N ASN A 9 -2.04 -16.52 10.06
CA ASN A 9 -1.62 -16.00 8.77
C ASN A 9 -0.28 -15.25 8.88
N VAL A 10 -0.15 -14.42 9.94
CA VAL A 10 1.02 -13.57 10.10
C VAL A 10 2.27 -14.42 10.37
N LYS A 11 2.13 -15.39 11.29
CA LYS A 11 3.23 -16.30 11.57
C LYS A 11 3.62 -17.14 10.37
N ALA A 12 2.62 -17.61 9.61
CA ALA A 12 2.87 -18.35 8.39
C ALA A 12 3.60 -17.51 7.36
N ALA A 13 3.08 -16.30 7.10
CA ALA A 13 3.71 -15.44 6.11
C ALA A 13 5.12 -15.05 6.49
N TRP A 14 5.34 -14.71 7.76
CA TRP A 14 6.67 -14.35 8.19
C TRP A 14 7.66 -15.51 8.11
N SER A 15 7.19 -16.76 8.23
CA SER A 15 8.07 -17.93 8.07
C SER A 15 8.60 -17.98 6.64
N LYS A 16 7.80 -17.53 5.65
CA LYS A 16 8.23 -17.44 4.26
C LYS A 16 9.17 -16.31 4.00
N VAL A 17 9.06 -15.22 4.74
CA VAL A 17 10.06 -14.15 4.66
C VAL A 17 11.40 -14.71 5.15
N GLY A 18 11.36 -15.40 6.32
CA GLY A 18 12.50 -16.06 6.93
C GLY A 18 13.72 -15.15 7.14
N GLY A 19 14.85 -15.51 6.49
CA GLY A 19 16.09 -14.77 6.59
C GLY A 19 16.14 -13.48 5.78
N HIS A 20 15.09 -13.15 4.98
CA HIS A 20 15.11 -11.95 4.13
C HIS A 20 14.51 -10.73 4.84
N ALA A 21 14.11 -10.81 6.12
CA ALA A 21 13.44 -9.68 6.78
C ALA A 21 14.24 -8.38 6.73
N GLY A 22 15.56 -8.45 6.94
CA GLY A 22 16.44 -7.30 6.91
C GLY A 22 16.59 -6.69 5.53
N GLU A 23 16.72 -7.53 4.50
CA GLU A 23 16.79 -7.03 3.15
C GLU A 23 15.42 -6.42 2.73
N PHE A 24 14.30 -7.04 3.13
CA PHE A 24 13.01 -6.42 2.82
C PHE A 24 12.88 -5.10 3.56
N GLY A 25 13.33 -5.04 4.82
CA GLY A 25 13.24 -3.81 5.57
C GLY A 25 14.01 -2.70 4.90
N ALA A 26 15.20 -2.99 4.40
CA ALA A 26 16.00 -2.02 3.68
C ALA A 26 15.33 -1.52 2.40
N GLU A 27 14.74 -2.42 1.62
CA GLU A 27 14.07 -2.04 0.37
C GLU A 27 12.82 -1.22 0.69
N ALA A 28 12.07 -1.61 1.72
CA ALA A 28 10.88 -0.85 2.10
C ALA A 28 11.28 0.59 2.45
N LEU A 29 12.39 0.78 3.18
CA LEU A 29 12.84 2.13 3.48
C LEU A 29 13.19 2.91 2.23
N GLU A 30 13.90 2.28 1.27
CA GLU A 30 14.23 2.95 0.03
C GLU A 30 12.99 3.34 -0.75
N ARG A 31 12.01 2.42 -0.81
CA ARG A 31 10.74 2.76 -1.46
C ARG A 31 10.09 3.94 -0.79
N MET A 32 10.13 4.00 0.54
CA MET A 32 9.50 5.08 1.30
C MET A 32 10.22 6.41 1.07
N PHE A 33 11.56 6.42 1.09
CA PHE A 33 12.31 7.66 0.87
C PHE A 33 12.07 8.26 -0.53
N LEU A 34 12.02 7.41 -1.55
CA LEU A 34 11.74 7.85 -2.92
C LEU A 34 10.28 8.20 -3.11
N GLY A 35 9.35 7.36 -2.65
CA GLY A 35 7.92 7.62 -2.82
C GLY A 35 7.39 8.82 -2.05
N PHE A 36 7.91 9.03 -0.83
CA PHE A 36 7.38 9.94 0.17
C PHE A 36 8.55 10.75 0.73
N PRO A 37 9.04 11.74 -0.05
CA PRO A 37 10.27 12.46 0.33
C PRO A 37 10.28 13.21 1.66
N THR A 38 9.11 13.52 2.23
CA THR A 38 8.99 14.15 3.54
C THR A 38 9.55 13.27 4.65
N THR A 39 9.55 11.92 4.45
CA THR A 39 10.12 11.00 5.42
C THR A 39 11.64 11.09 5.60
N LYS A 40 12.37 11.63 4.61
CA LYS A 40 13.82 11.80 4.65
C LYS A 40 14.30 12.72 5.77
N THR A 41 13.42 13.62 6.25
CA THR A 41 13.64 14.59 7.32
C THR A 41 14.09 13.95 8.61
N TYR A 42 13.65 12.72 8.90
CA TYR A 42 13.99 12.05 10.13
C TYR A 42 15.40 11.45 10.10
N PHE A 43 16.08 11.42 8.94
CA PHE A 43 17.35 10.72 8.78
C PHE A 43 18.40 11.68 8.22
N PRO A 44 18.59 12.86 8.84
CA PRO A 44 19.62 13.82 8.34
C PRO A 44 21.05 13.30 8.38
N HIS A 45 21.29 12.43 9.34
CA HIS A 45 22.55 11.77 9.63
C HIS A 45 22.88 10.58 8.73
N PHE A 46 21.94 10.17 7.85
CA PHE A 46 22.16 9.03 6.97
C PHE A 46 22.56 9.49 5.58
N ASP A 47 23.41 8.67 4.99
CA ASP A 47 23.58 8.62 3.54
C ASP A 47 22.36 7.83 3.04
N LEU A 48 21.47 8.48 2.27
CA LEU A 48 20.25 7.85 1.77
C LEU A 48 20.39 7.48 0.28
N SER A 49 21.61 7.32 -0.27
CA SER A 49 21.81 6.88 -1.64
C SER A 49 21.50 5.38 -1.75
N HIS A 50 21.23 4.91 -2.97
CA HIS A 50 20.92 3.50 -3.23
C HIS A 50 22.06 2.61 -2.70
N GLY A 51 21.72 1.58 -1.89
CA GLY A 51 22.69 0.66 -1.33
C GLY A 51 23.63 1.27 -0.30
N SER A 52 23.32 2.45 0.26
CA SER A 52 23.90 2.98 1.50
C SER A 52 23.94 1.90 2.56
N ALA A 53 25.09 1.81 3.22
CA ALA A 53 25.32 0.90 4.33
C ALA A 53 24.42 1.22 5.54
N GLN A 54 24.14 2.51 5.79
CA GLN A 54 23.32 2.90 6.92
C GLN A 54 21.84 2.50 6.72
N VAL A 55 21.35 2.62 5.49
CA VAL A 55 20.01 2.14 5.13
C VAL A 55 19.93 0.63 5.26
N LYS A 56 20.94 -0.11 4.78
CA LYS A 56 20.99 -1.57 4.96
C LYS A 56 21.01 -1.97 6.43
N ALA A 57 21.79 -1.27 7.27
CA ALA A 57 21.86 -1.56 8.70
C ALA A 57 20.54 -1.23 9.41
N HIS A 58 19.94 -0.09 9.05
CA HIS A 58 18.67 0.28 9.65
C HIS A 58 17.55 -0.71 9.24
N GLY A 59 17.49 -1.07 7.96
CA GLY A 59 16.57 -2.10 7.45
C GLY A 59 16.64 -3.40 8.23
N LYS A 60 17.87 -3.78 8.64
CA LYS A 60 18.07 -4.94 9.47
C LYS A 60 17.39 -4.76 10.81
N LYS A 61 17.55 -3.59 11.45
CA LYS A 61 16.97 -3.39 12.76
C LYS A 61 15.45 -3.38 12.68
N VAL A 62 14.90 -2.73 11.62
CA VAL A 62 13.44 -2.76 11.41
C VAL A 62 12.90 -4.20 11.22
N GLY A 63 13.56 -4.96 10.36
CA GLY A 63 13.22 -6.36 10.08
C GLY A 63 13.27 -7.24 11.32
N ASP A 64 14.33 -7.09 12.14
CA ASP A 64 14.46 -7.81 13.41
C ASP A 64 13.38 -7.46 14.43
N ALA A 65 13.00 -6.17 14.51
CA ALA A 65 11.92 -5.74 15.38
C ALA A 65 10.56 -6.33 14.95
N LEU A 66 10.30 -6.39 13.63
CA LEU A 66 9.10 -7.05 13.13
C LEU A 66 9.10 -8.55 13.43
N THR A 67 10.28 -9.18 13.31
CA THR A 67 10.43 -10.60 13.68
C THR A 67 10.14 -10.80 15.16
N LEU A 68 10.65 -9.92 16.03
CA LEU A 68 10.34 -9.90 17.45
C LEU A 68 8.83 -9.80 17.67
N ALA A 69 8.17 -8.86 16.98
CA ALA A 69 6.74 -8.66 17.12
C ALA A 69 5.94 -9.91 16.75
N VAL A 70 6.33 -10.58 15.65
CA VAL A 70 5.65 -11.79 15.22
C VAL A 70 5.74 -12.89 16.30
N GLY A 71 6.85 -12.99 17.01
CA GLY A 71 6.97 -13.79 18.22
C GLY A 71 6.16 -13.36 19.44
N HIS A 72 5.57 -12.15 19.51
CA HIS A 72 4.95 -11.61 20.72
C HIS A 72 3.60 -11.01 20.38
N LEU A 73 2.81 -11.71 19.53
CA LEU A 73 1.56 -11.13 19.04
C LEU A 73 0.52 -10.94 20.15
N ASP A 74 0.58 -11.77 21.20
CA ASP A 74 -0.31 -11.64 22.36
C ASP A 74 0.11 -10.54 23.33
N ASP A 75 1.31 -9.91 23.18
CA ASP A 75 1.80 -8.87 24.06
C ASP A 75 2.72 -7.89 23.32
N LEU A 76 2.23 -7.26 22.24
CA LEU A 76 3.02 -6.29 21.48
C LEU A 76 3.42 -5.10 22.35
N PRO A 77 2.49 -4.53 23.18
CA PRO A 77 2.87 -3.38 24.05
C PRO A 77 4.08 -3.67 24.92
N GLY A 78 4.15 -4.89 25.49
CA GLY A 78 5.27 -5.32 26.31
C GLY A 78 6.58 -5.47 25.55
N ALA A 79 6.56 -6.23 24.44
CA ALA A 79 7.73 -6.49 23.64
C ALA A 79 8.32 -5.22 23.00
N LEU A 80 7.46 -4.27 22.54
CA LEU A 80 7.92 -3.08 21.81
C LEU A 80 7.91 -1.83 22.69
N SER A 81 7.88 -1.97 24.03
CA SER A 81 7.78 -0.85 24.97
C SER A 81 8.88 0.17 24.75
N ASP A 82 10.12 -0.29 24.64
CA ASP A 82 11.28 0.59 24.46
C ASP A 82 11.20 1.33 23.12
N LEU A 83 10.71 0.67 22.06
CA LEU A 83 10.52 1.36 20.79
C LEU A 83 9.42 2.41 20.83
N SER A 84 8.34 2.20 21.61
CA SER A 84 7.28 3.19 21.80
C SER A 84 7.84 4.48 22.36
N ASN A 85 8.74 4.37 23.37
CA ASN A 85 9.41 5.52 23.99
C ASN A 85 10.27 6.27 22.99
N LEU A 86 11.06 5.55 22.22
CA LEU A 86 11.94 6.16 21.23
C LEU A 86 11.16 6.95 20.17
N HIS A 87 10.13 6.34 19.57
CA HIS A 87 9.42 6.97 18.44
C HIS A 87 8.55 8.17 18.86
N ALA A 88 7.89 8.10 20.03
CA ALA A 88 7.10 9.16 20.60
C ALA A 88 7.92 10.27 21.27
N HIS A 89 8.78 9.95 22.26
CA HIS A 89 9.41 10.94 23.11
C HIS A 89 10.64 11.57 22.46
N LYS A 90 11.56 10.76 21.94
CA LYS A 90 12.77 11.25 21.31
C LYS A 90 12.51 11.69 19.88
N LEU A 91 12.03 10.79 19.01
CA LEU A 91 12.01 11.06 17.58
C LEU A 91 10.79 11.91 17.18
N ARG A 92 9.67 11.79 17.90
CA ARG A 92 8.46 12.55 17.58
C ARG A 92 8.00 12.28 16.16
N VAL A 93 7.95 10.99 15.79
CA VAL A 93 7.57 10.66 14.43
C VAL A 93 6.07 10.92 14.26
N ASP A 94 5.74 11.66 13.21
CA ASP A 94 4.35 11.92 12.89
C ASP A 94 3.68 10.57 12.60
N PRO A 95 2.56 10.21 13.25
CA PRO A 95 1.86 8.96 13.00
C PRO A 95 1.56 8.62 11.54
N VAL A 96 1.41 9.62 10.68
CA VAL A 96 1.15 9.41 9.25
C VAL A 96 2.25 8.56 8.61
N ASN A 97 3.49 8.76 9.07
CA ASN A 97 4.64 8.08 8.48
C ASN A 97 4.65 6.56 8.69
N PHE A 98 4.03 6.04 9.75
CA PHE A 98 3.89 4.61 9.94
C PHE A 98 3.01 3.95 8.87
N LYS A 99 1.96 4.64 8.44
CA LYS A 99 1.14 4.21 7.32
C LYS A 99 1.95 4.09 6.04
N LEU A 100 2.83 5.07 5.82
CA LEU A 100 3.65 5.11 4.63
C LEU A 100 4.66 3.98 4.65
N LEU A 101 5.30 3.75 5.80
CA LEU A 101 6.24 2.63 5.82
C LEU A 101 5.50 1.31 5.67
N SER A 102 4.34 1.16 6.34
CA SER A 102 3.54 -0.05 6.21
C SER A 102 3.23 -0.38 4.74
N HIS A 103 2.75 0.60 3.99
CA HIS A 103 2.47 0.46 2.56
C HIS A 103 3.71 -0.02 1.79
N CYS A 104 4.85 0.62 2.06
CA CYS A 104 6.10 0.27 1.37
C CYS A 104 6.58 -1.13 1.72
N LEU A 105 6.33 -1.56 2.96
CA LEU A 105 6.63 -2.93 3.36
C LEU A 105 5.72 -3.93 2.66
N LEU A 106 4.40 -3.67 2.60
CA LEU A 106 3.52 -4.51 1.80
C LEU A 106 3.91 -4.57 0.33
N SER A 107 4.29 -3.43 -0.26
CA SER A 107 4.74 -3.37 -1.64
C SER A 107 5.96 -4.27 -1.85
N THR A 108 6.92 -4.20 -0.89
CA THR A 108 8.14 -5.01 -0.97
C THR A 108 7.83 -6.51 -0.88
N LEU A 109 6.90 -6.91 0.02
CA LEU A 109 6.51 -8.31 0.14
C LEU A 109 5.82 -8.81 -1.11
N ALA A 110 4.99 -7.96 -1.73
CA ALA A 110 4.37 -8.30 -2.99
C ALA A 110 5.39 -8.59 -4.09
N VAL A 111 6.43 -7.76 -4.19
CA VAL A 111 7.50 -7.94 -5.17
C VAL A 111 8.15 -9.32 -5.02
N HIS A 112 8.48 -9.72 -3.80
CA HIS A 112 9.36 -10.85 -3.55
C HIS A 112 8.60 -12.13 -3.32
N LEU A 113 7.36 -12.09 -2.82
CA LEU A 113 6.58 -13.27 -2.50
C LEU A 113 5.21 -13.22 -3.18
N PRO A 114 5.18 -13.15 -4.51
CA PRO A 114 3.92 -12.94 -5.20
C PRO A 114 2.90 -14.04 -5.08
N ASN A 115 3.38 -15.29 -4.96
CA ASN A 115 2.49 -16.42 -4.83
C ASN A 115 1.96 -16.54 -3.39
N ASP A 116 2.72 -16.09 -2.40
CA ASP A 116 2.37 -16.19 -1.00
C ASP A 116 1.58 -14.96 -0.53
N PHE A 117 1.63 -13.84 -1.28
CA PHE A 117 0.96 -12.61 -0.91
C PHE A 117 -0.48 -12.65 -1.44
N THR A 118 -1.27 -13.54 -0.87
CA THR A 118 -2.65 -13.77 -1.21
C THR A 118 -3.52 -12.65 -0.62
N PRO A 119 -4.77 -12.46 -1.06
CA PRO A 119 -5.66 -11.51 -0.41
C PRO A 119 -5.84 -11.68 1.10
N ALA A 120 -5.99 -12.93 1.57
CA ALA A 120 -6.20 -13.17 3.01
C ALA A 120 -4.92 -12.82 3.78
N VAL A 121 -3.77 -13.22 3.24
CA VAL A 121 -2.48 -12.89 3.83
C VAL A 121 -2.27 -11.37 3.83
N HIS A 122 -2.51 -10.67 2.72
CA HIS A 122 -2.45 -9.20 2.65
C HIS A 122 -3.28 -8.59 3.79
N ALA A 123 -4.52 -9.05 3.96
CA ALA A 123 -5.41 -8.50 4.99
C ALA A 123 -4.80 -8.67 6.39
N SER A 124 -4.30 -9.86 6.71
CA SER A 124 -3.70 -10.16 8.01
C SER A 124 -2.46 -9.33 8.28
N LEU A 125 -1.59 -9.16 7.27
CA LEU A 125 -0.37 -8.37 7.39
C LEU A 125 -0.69 -6.89 7.56
N ASP A 126 -1.74 -6.42 6.88
CA ASP A 126 -2.14 -5.03 7.06
C ASP A 126 -2.53 -4.78 8.52
N LYS A 127 -3.34 -5.69 9.07
CA LYS A 127 -3.75 -5.56 10.47
C LYS A 127 -2.59 -5.64 11.45
N PHE A 128 -1.66 -6.54 11.18
CA PHE A 128 -0.44 -6.65 11.94
C PHE A 128 0.35 -5.35 11.95
N LEU A 129 0.61 -4.78 10.75
CA LEU A 129 1.39 -3.53 10.68
C LEU A 129 0.66 -2.35 11.31
N SER A 130 -0.66 -2.30 11.20
CA SER A 130 -1.46 -1.32 11.95
C SER A 130 -1.31 -1.49 13.46
N SER A 131 -1.32 -2.76 13.96
CA SER A 131 -1.19 -3.03 15.40
C SER A 131 0.18 -2.61 15.89
N VAL A 132 1.22 -2.93 15.11
CA VAL A 132 2.58 -2.46 15.41
C VAL A 132 2.62 -0.94 15.41
N SER A 133 2.04 -0.27 14.41
CA SER A 133 2.04 1.19 14.33
C SER A 133 1.32 1.83 15.54
N THR A 134 0.21 1.27 15.96
CA THR A 134 -0.56 1.71 17.13
C THR A 134 0.30 1.66 18.40
N VAL A 135 1.03 0.54 18.58
CA VAL A 135 1.92 0.42 19.72
C VAL A 135 3.03 1.47 19.67
N LEU A 136 3.66 1.66 18.49
CA LEU A 136 4.78 2.60 18.37
C LEU A 136 4.38 4.07 18.53
N THR A 137 3.10 4.39 18.35
CA THR A 137 2.58 5.74 18.58
C THR A 137 1.76 5.83 19.88
N SER A 138 1.78 4.79 20.75
CA SER A 138 0.83 4.70 21.87
C SER A 138 1.21 5.68 22.99
N LYS A 139 2.50 6.09 23.08
CA LYS A 139 2.96 6.90 24.22
C LYS A 139 2.83 8.39 23.91
N TYR A 140 1.87 8.85 23.04
CA TYR A 140 1.55 10.25 22.80
C TYR A 140 0.39 10.62 23.73
N VAL B 1 0.78 14.70 -11.72
CA VAL B 1 1.05 16.15 -11.99
C VAL B 1 2.55 16.35 -12.32
N GLN B 2 3.44 16.41 -11.32
CA GLN B 2 4.85 16.82 -11.47
C GLN B 2 5.76 15.60 -11.76
N LEU B 3 5.88 15.21 -13.04
CA LEU B 3 6.77 14.15 -13.50
C LEU B 3 7.74 14.73 -14.51
N SER B 4 9.00 14.28 -14.47
CA SER B 4 9.95 14.48 -15.56
C SER B 4 9.52 13.71 -16.80
N GLY B 5 10.12 14.07 -17.94
CA GLY B 5 9.91 13.39 -19.19
C GLY B 5 10.27 11.91 -19.10
N GLU B 6 11.38 11.59 -18.42
CA GLU B 6 11.87 10.24 -18.29
C GLU B 6 10.97 9.36 -17.39
N GLU B 7 10.41 9.97 -16.33
CA GLU B 7 9.46 9.36 -15.41
C GLU B 7 8.17 9.03 -16.16
N LYS B 8 7.60 10.03 -16.86
CA LYS B 8 6.43 9.89 -17.72
C LYS B 8 6.56 8.71 -18.68
N ALA B 9 7.71 8.59 -19.37
CA ALA B 9 7.95 7.49 -20.30
C ALA B 9 7.97 6.12 -19.59
N ALA B 10 8.61 6.05 -18.41
CA ALA B 10 8.61 4.81 -17.65
C ALA B 10 7.18 4.43 -17.20
N VAL B 11 6.37 5.39 -16.77
CA VAL B 11 4.99 5.13 -16.36
C VAL B 11 4.20 4.54 -17.53
N LEU B 12 4.27 5.22 -18.68
CA LEU B 12 3.56 4.76 -19.87
C LEU B 12 4.05 3.42 -20.38
N ALA B 13 5.34 3.15 -20.29
CA ALA B 13 5.86 1.88 -20.74
C ALA B 13 5.32 0.73 -19.90
N LEU B 14 5.16 0.94 -18.58
CA LEU B 14 4.60 -0.12 -17.74
C LEU B 14 3.12 -0.34 -18.11
N TRP B 15 2.37 0.77 -18.34
CA TRP B 15 0.94 0.67 -18.63
C TRP B 15 0.65 -0.18 -19.87
N ASP B 16 1.58 -0.20 -20.86
CA ASP B 16 1.52 -1.06 -22.02
C ASP B 16 1.42 -2.53 -21.66
N LYS B 17 1.97 -2.91 -20.50
CA LYS B 17 1.98 -4.29 -20.03
C LYS B 17 0.87 -4.60 -19.04
N VAL B 18 0.01 -3.63 -18.68
CA VAL B 18 -1.07 -3.85 -17.74
C VAL B 18 -2.27 -4.47 -18.40
N ASN B 19 -2.67 -5.67 -17.92
CA ASN B 19 -3.92 -6.26 -18.27
C ASN B 19 -4.97 -5.66 -17.35
N GLU B 20 -5.85 -4.83 -17.90
CA GLU B 20 -6.80 -4.08 -17.11
C GLU B 20 -7.80 -4.96 -16.38
N GLU B 21 -8.15 -6.08 -17.00
CA GLU B 21 -9.08 -7.03 -16.41
C GLU B 21 -8.45 -7.76 -15.21
N GLU B 22 -7.26 -8.34 -15.38
CA GLU B 22 -6.65 -9.08 -14.30
C GLU B 22 -6.24 -8.16 -13.15
N VAL B 23 -5.54 -7.04 -13.47
CA VAL B 23 -5.13 -6.06 -12.47
C VAL B 23 -6.35 -5.40 -11.81
N GLY B 24 -7.34 -4.96 -12.62
CA GLY B 24 -8.53 -4.31 -12.10
C GLY B 24 -9.31 -5.17 -11.12
N GLY B 25 -9.63 -6.40 -11.58
CA GLY B 25 -10.31 -7.42 -10.79
C GLY B 25 -9.62 -7.68 -9.45
N GLU B 26 -8.28 -7.82 -9.50
CA GLU B 26 -7.48 -8.02 -8.32
C GLU B 26 -7.50 -6.81 -7.39
N ALA B 27 -7.29 -5.61 -7.92
CA ALA B 27 -7.26 -4.39 -7.13
C ALA B 27 -8.57 -4.16 -6.37
N LEU B 28 -9.69 -4.24 -7.09
CA LEU B 28 -10.98 -4.04 -6.43
C LEU B 28 -11.24 -5.13 -5.41
N GLY B 29 -10.98 -6.41 -5.74
CA GLY B 29 -11.15 -7.51 -4.84
C GLY B 29 -10.35 -7.36 -3.56
N ARG B 30 -9.07 -6.97 -3.69
CA ARG B 30 -8.24 -6.72 -2.52
C ARG B 30 -8.77 -5.56 -1.70
N LEU B 31 -9.23 -4.48 -2.31
CA LEU B 31 -9.84 -3.41 -1.51
C LEU B 31 -10.98 -3.93 -0.62
N LEU B 32 -11.87 -4.72 -1.22
CA LEU B 32 -13.03 -5.24 -0.52
C LEU B 32 -12.67 -6.19 0.60
N VAL B 33 -11.61 -6.97 0.43
CA VAL B 33 -11.14 -7.91 1.46
C VAL B 33 -10.39 -7.19 2.56
N VAL B 34 -9.50 -6.29 2.19
CA VAL B 34 -8.59 -5.67 3.16
C VAL B 34 -9.29 -4.58 3.96
N TYR B 35 -10.23 -3.84 3.33
CA TYR B 35 -10.89 -2.67 3.88
C TYR B 35 -12.38 -2.97 3.82
N PRO B 36 -12.91 -3.86 4.70
CA PRO B 36 -14.22 -4.47 4.50
C PRO B 36 -15.42 -3.53 4.52
N TRP B 37 -15.27 -2.32 5.09
CA TRP B 37 -16.30 -1.27 5.02
C TRP B 37 -16.63 -0.80 3.63
N THR B 38 -15.68 -0.97 2.67
CA THR B 38 -15.91 -0.63 1.29
C THR B 38 -16.96 -1.53 0.66
N GLN B 39 -17.22 -2.67 1.24
CA GLN B 39 -18.26 -3.56 0.71
C GLN B 39 -19.66 -2.96 0.78
N ARG B 40 -19.87 -1.96 1.62
CA ARG B 40 -21.15 -1.26 1.76
C ARG B 40 -21.61 -0.66 0.44
N PHE B 41 -20.69 -0.20 -0.41
CA PHE B 41 -21.01 0.38 -1.70
C PHE B 41 -21.42 -0.63 -2.79
N PHE B 42 -21.28 -1.93 -2.58
CA PHE B 42 -21.40 -2.94 -3.63
C PHE B 42 -22.35 -4.05 -3.20
N ASP B 43 -23.43 -3.73 -2.45
CA ASP B 43 -24.39 -4.74 -2.00
C ASP B 43 -25.09 -5.43 -3.17
N SER B 44 -25.29 -4.69 -4.27
CA SER B 44 -25.87 -5.20 -5.49
C SER B 44 -25.05 -6.32 -6.18
N PHE B 45 -23.77 -6.52 -5.81
CA PHE B 45 -22.89 -7.52 -6.38
C PHE B 45 -23.14 -8.91 -5.80
N GLY B 46 -23.92 -9.02 -4.70
CA GLY B 46 -24.21 -10.28 -4.04
C GLY B 46 -23.28 -10.58 -2.86
N ASP B 47 -22.83 -11.84 -2.81
CA ASP B 47 -22.09 -12.39 -1.68
C ASP B 47 -20.63 -11.86 -1.67
N LEU B 48 -20.30 -10.97 -0.73
CA LEU B 48 -18.94 -10.46 -0.52
C LEU B 48 -18.42 -10.82 0.87
N SER B 49 -18.91 -11.95 1.44
CA SER B 49 -18.73 -12.30 2.84
C SER B 49 -17.30 -12.77 3.11
N ASN B 50 -16.77 -13.68 2.28
CA ASN B 50 -15.42 -14.20 2.45
C ASN B 50 -14.51 -13.86 1.26
N PRO B 51 -13.17 -13.89 1.43
CA PRO B 51 -12.23 -13.71 0.32
C PRO B 51 -12.42 -14.52 -0.95
N GLY B 52 -12.78 -15.81 -0.85
CA GLY B 52 -13.04 -16.64 -2.01
C GLY B 52 -14.21 -16.11 -2.87
N ALA B 53 -15.30 -15.73 -2.18
CA ALA B 53 -16.46 -15.15 -2.85
C ALA B 53 -16.13 -13.83 -3.56
N VAL B 54 -15.30 -13.00 -2.94
CA VAL B 54 -15.01 -11.70 -3.50
C VAL B 54 -14.19 -11.86 -4.76
N MET B 55 -13.10 -12.67 -4.71
CA MET B 55 -12.13 -12.69 -5.80
C MET B 55 -12.70 -13.39 -7.04
N GLY B 56 -13.68 -14.31 -6.87
CA GLY B 56 -14.33 -15.00 -7.96
C GLY B 56 -15.61 -14.33 -8.44
N ASN B 57 -16.05 -13.22 -7.81
CA ASN B 57 -17.34 -12.61 -8.15
C ASN B 57 -17.18 -11.93 -9.49
N PRO B 58 -17.98 -12.24 -10.52
CA PRO B 58 -17.84 -11.64 -11.84
C PRO B 58 -18.15 -10.15 -11.89
N LYS B 59 -19.04 -9.67 -11.00
CA LYS B 59 -19.31 -8.24 -10.96
C LYS B 59 -18.11 -7.45 -10.41
N VAL B 60 -17.39 -8.02 -9.46
CA VAL B 60 -16.15 -7.44 -8.95
C VAL B 60 -15.13 -7.32 -10.11
N LYS B 61 -14.92 -8.39 -10.88
CA LYS B 61 -13.98 -8.35 -12.01
C LYS B 61 -14.37 -7.31 -13.04
N ALA B 62 -15.66 -7.26 -13.39
CA ALA B 62 -16.10 -6.34 -14.42
C ALA B 62 -15.95 -4.90 -13.94
N HIS B 63 -16.37 -4.60 -12.72
CA HIS B 63 -16.23 -3.26 -12.18
C HIS B 63 -14.75 -2.85 -12.07
N GLY B 64 -13.91 -3.78 -11.62
CA GLY B 64 -12.49 -3.51 -11.49
C GLY B 64 -11.85 -3.18 -12.82
N LYS B 65 -12.29 -3.88 -13.88
CA LYS B 65 -11.87 -3.55 -15.23
C LYS B 65 -12.28 -2.12 -15.60
N LYS B 66 -13.51 -1.70 -15.31
CA LYS B 66 -13.98 -0.34 -15.59
C LYS B 66 -13.14 0.73 -14.90
N VAL B 67 -12.94 0.52 -13.60
CA VAL B 67 -12.13 1.39 -12.79
C VAL B 67 -10.72 1.51 -13.39
N LEU B 68 -10.08 0.37 -13.65
CA LEU B 68 -8.74 0.41 -14.21
C LEU B 68 -8.69 1.05 -15.60
N HIS B 69 -9.74 0.89 -16.39
CA HIS B 69 -9.77 1.52 -17.72
C HIS B 69 -9.72 3.04 -17.61
N SER B 70 -10.47 3.53 -16.63
CA SER B 70 -10.58 4.93 -16.31
C SER B 70 -9.25 5.44 -15.77
N PHE B 71 -8.59 4.66 -14.90
CA PHE B 71 -7.27 4.98 -14.41
C PHE B 71 -6.29 5.16 -15.61
N GLY B 72 -6.37 4.25 -16.57
CA GLY B 72 -5.61 4.26 -17.82
C GLY B 72 -5.77 5.52 -18.64
N GLU B 73 -7.01 6.05 -18.69
CA GLU B 73 -7.34 7.33 -19.31
C GLU B 73 -6.57 8.42 -18.58
N GLY B 74 -6.54 8.40 -17.24
CA GLY B 74 -5.71 9.30 -16.48
C GLY B 74 -4.22 9.21 -16.78
N VAL B 75 -3.70 7.96 -16.87
CA VAL B 75 -2.29 7.75 -17.18
C VAL B 75 -1.99 8.39 -18.55
N HIS B 76 -2.93 8.38 -19.51
CA HIS B 76 -2.69 8.98 -20.84
C HIS B 76 -3.02 10.47 -20.87
N HIS B 77 -3.52 11.09 -19.78
CA HIS B 77 -3.86 12.52 -19.76
C HIS B 77 -3.37 13.20 -18.48
N LEU B 78 -2.11 12.97 -18.11
CA LEU B 78 -1.53 13.42 -16.84
C LEU B 78 -1.46 14.94 -16.68
N ASP B 79 -1.44 15.67 -17.80
CA ASP B 79 -1.53 17.13 -17.88
C ASP B 79 -2.95 17.65 -17.67
N ASN B 80 -4.00 16.81 -17.64
CA ASN B 80 -5.37 17.29 -17.50
C ASN B 80 -6.22 16.29 -16.69
N LEU B 81 -5.75 15.98 -15.47
CA LEU B 81 -6.45 15.01 -14.61
C LEU B 81 -7.79 15.55 -14.14
N LYS B 82 -7.87 16.86 -13.79
CA LYS B 82 -9.12 17.49 -13.34
C LYS B 82 -10.19 17.43 -14.43
N GLY B 83 -9.82 17.69 -15.69
CA GLY B 83 -10.77 17.58 -16.79
C GLY B 83 -11.23 16.16 -17.08
N THR B 84 -10.28 15.19 -17.08
CA THR B 84 -10.55 13.78 -17.34
C THR B 84 -11.54 13.23 -16.33
N PHE B 85 -11.39 13.57 -15.03
CA PHE B 85 -12.19 12.98 -13.94
C PHE B 85 -13.34 13.87 -13.44
N ALA B 86 -13.64 15.03 -14.07
CA ALA B 86 -14.72 15.92 -13.57
C ALA B 86 -16.08 15.23 -13.41
N ALA B 87 -16.56 14.52 -14.45
CA ALA B 87 -17.84 13.82 -14.43
C ALA B 87 -17.87 12.71 -13.39
N LEU B 88 -16.80 11.91 -13.32
CA LEU B 88 -16.70 10.89 -12.29
C LEU B 88 -16.64 11.46 -10.86
N SER B 89 -16.01 12.64 -10.67
CA SER B 89 -15.94 13.27 -9.35
C SER B 89 -17.36 13.63 -8.84
N GLU B 90 -18.20 14.16 -9.76
CA GLU B 90 -19.62 14.44 -9.50
C GLU B 90 -20.36 13.18 -9.10
N LEU B 91 -20.26 12.12 -9.93
CA LEU B 91 -20.88 10.84 -9.63
C LEU B 91 -20.50 10.34 -8.23
N HIS B 92 -19.20 10.38 -7.87
CA HIS B 92 -18.74 9.75 -6.63
C HIS B 92 -19.26 10.58 -5.43
N CYS B 93 -19.30 11.93 -5.57
CA CYS B 93 -19.75 12.84 -4.51
C CYS B 93 -21.28 12.80 -4.38
N ASP B 94 -21.96 13.21 -5.45
CA ASP B 94 -23.39 13.52 -5.42
C ASP B 94 -24.19 12.23 -5.42
N LYS B 95 -23.85 11.22 -6.24
CA LYS B 95 -24.67 10.03 -6.38
C LYS B 95 -24.21 8.94 -5.40
N LEU B 96 -22.89 8.68 -5.21
CA LEU B 96 -22.45 7.49 -4.48
C LEU B 96 -22.05 7.81 -3.04
N HIS B 97 -21.64 9.05 -2.72
CA HIS B 97 -21.25 9.47 -1.37
C HIS B 97 -20.05 8.67 -0.83
N VAL B 98 -19.03 8.49 -1.69
CA VAL B 98 -17.82 7.76 -1.33
C VAL B 98 -16.92 8.76 -0.60
N ASP B 99 -16.46 8.47 0.63
CA ASP B 99 -15.49 9.37 1.26
C ASP B 99 -14.20 9.30 0.42
N PRO B 100 -13.62 10.46 0.04
CA PRO B 100 -12.37 10.50 -0.73
C PRO B 100 -11.13 9.80 -0.20
N GLU B 101 -11.11 9.53 1.12
CA GLU B 101 -10.05 8.72 1.72
C GLU B 101 -9.98 7.37 1.02
N ASN B 102 -11.14 6.87 0.55
CA ASN B 102 -11.20 5.57 -0.11
C ASN B 102 -10.51 5.58 -1.49
N PHE B 103 -10.42 6.71 -2.18
CA PHE B 103 -9.66 6.81 -3.42
C PHE B 103 -8.17 6.60 -3.20
N ARG B 104 -7.63 7.13 -2.11
CA ARG B 104 -6.25 6.94 -1.72
C ARG B 104 -5.99 5.49 -1.35
N LEU B 105 -6.97 4.85 -0.67
CA LEU B 105 -6.86 3.44 -0.34
C LEU B 105 -6.82 2.59 -1.60
N LEU B 106 -7.72 2.85 -2.56
CA LEU B 106 -7.69 2.06 -3.78
C LEU B 106 -6.38 2.27 -4.57
N GLY B 107 -5.91 3.51 -4.68
CA GLY B 107 -4.64 3.86 -5.32
C GLY B 107 -3.45 3.08 -4.77
N ASN B 108 -3.37 2.98 -3.44
CA ASN B 108 -2.33 2.22 -2.80
C ASN B 108 -2.48 0.74 -3.03
N VAL B 109 -3.71 0.21 -2.95
CA VAL B 109 -3.92 -1.19 -3.31
C VAL B 109 -3.45 -1.46 -4.72
N LEU B 110 -3.80 -0.58 -5.68
CA LEU B 110 -3.36 -0.77 -7.06
C LEU B 110 -1.83 -0.83 -7.13
N VAL B 111 -1.13 0.04 -6.41
CA VAL B 111 0.34 0.01 -6.41
C VAL B 111 0.84 -1.36 -5.89
N VAL B 112 0.25 -1.92 -4.83
CA VAL B 112 0.61 -3.23 -4.29
C VAL B 112 0.39 -4.31 -5.34
N VAL B 113 -0.73 -4.22 -6.05
CA VAL B 113 -1.02 -5.18 -7.11
C VAL B 113 0.00 -5.08 -8.27
N LEU B 114 0.32 -3.88 -8.73
CA LEU B 114 1.36 -3.72 -9.75
C LEU B 114 2.67 -4.35 -9.29
N ALA B 115 3.04 -4.10 -8.02
CA ALA B 115 4.22 -4.74 -7.41
C ALA B 115 4.19 -6.25 -7.53
N ARG B 116 3.04 -6.82 -7.21
CA ARG B 116 2.87 -8.26 -7.23
C ARG B 116 3.01 -8.79 -8.67
N HIS B 117 2.43 -8.09 -9.63
CA HIS B 117 2.42 -8.54 -11.01
C HIS B 117 3.79 -8.34 -11.64
N PHE B 118 4.50 -7.28 -11.34
CA PHE B 118 5.72 -6.94 -12.10
C PHE B 118 6.99 -7.31 -11.36
N GLY B 119 6.95 -7.59 -10.05
CA GLY B 119 8.15 -8.02 -9.35
C GLY B 119 9.26 -6.98 -9.36
N LYS B 120 10.49 -7.42 -9.64
CA LYS B 120 11.68 -6.59 -9.57
C LYS B 120 11.72 -5.49 -10.65
N ASP B 121 10.93 -5.64 -11.70
CA ASP B 121 10.67 -4.58 -12.65
C ASP B 121 9.92 -3.40 -12.06
N PHE B 122 9.18 -3.59 -10.96
CA PHE B 122 8.50 -2.49 -10.30
C PHE B 122 9.47 -1.94 -9.27
N THR B 123 10.45 -1.17 -9.80
CA THR B 123 11.57 -0.69 -9.02
C THR B 123 11.12 0.36 -8.00
N PRO B 124 11.97 0.72 -7.01
CA PRO B 124 11.59 1.82 -6.10
C PRO B 124 11.31 3.14 -6.81
N GLU B 125 12.05 3.44 -7.89
CA GLU B 125 11.88 4.66 -8.65
C GLU B 125 10.55 4.63 -9.42
N LEU B 126 10.24 3.46 -10.01
CA LEU B 126 8.99 3.35 -10.74
C LEU B 126 7.77 3.43 -9.80
N GLN B 127 7.87 2.79 -8.63
CA GLN B 127 6.85 2.97 -7.60
C GLN B 127 6.68 4.42 -7.21
N ALA B 128 7.76 5.16 -7.04
CA ALA B 128 7.64 6.55 -6.66
C ALA B 128 6.83 7.34 -7.70
N SER B 129 7.09 7.09 -9.00
CA SER B 129 6.32 7.77 -10.04
C SER B 129 4.85 7.38 -9.94
N TYR B 130 4.58 6.06 -9.77
CA TYR B 130 3.19 5.59 -9.63
C TYR B 130 2.48 6.19 -8.43
N GLN B 131 3.24 6.47 -7.35
CA GLN B 131 2.62 7.14 -6.20
C GLN B 131 2.16 8.55 -6.55
N LYS B 132 2.93 9.26 -7.39
CA LYS B 132 2.47 10.58 -7.85
C LYS B 132 1.24 10.51 -8.77
N VAL B 133 1.17 9.48 -9.61
CA VAL B 133 0.02 9.24 -10.47
C VAL B 133 -1.23 8.96 -9.60
N VAL B 134 -1.15 8.01 -8.66
CA VAL B 134 -2.33 7.62 -7.89
C VAL B 134 -2.81 8.74 -7.00
N ALA B 135 -1.89 9.55 -6.46
CA ALA B 135 -2.27 10.72 -5.68
C ALA B 135 -2.92 11.75 -6.61
N GLY B 136 -2.40 11.95 -7.83
CA GLY B 136 -2.99 12.82 -8.85
C GLY B 136 -4.42 12.42 -9.21
N VAL B 137 -4.66 11.12 -9.34
CA VAL B 137 -5.98 10.64 -9.68
C VAL B 137 -6.92 10.84 -8.51
N ALA B 138 -6.47 10.47 -7.30
CA ALA B 138 -7.29 10.60 -6.11
C ALA B 138 -7.73 12.06 -5.88
N ASN B 139 -6.81 13.00 -6.05
CA ASN B 139 -7.10 14.45 -5.96
C ASN B 139 -8.09 14.94 -7.02
N ALA B 140 -7.98 14.44 -8.25
CA ALA B 140 -8.92 14.79 -9.32
C ALA B 140 -10.33 14.23 -9.07
N LEU B 141 -10.44 13.00 -8.54
CA LEU B 141 -11.71 12.44 -8.13
C LEU B 141 -12.32 13.17 -6.92
N ALA B 142 -11.51 13.70 -6.01
CA ALA B 142 -11.97 14.46 -4.84
C ALA B 142 -12.41 15.90 -5.16
N HIS B 143 -12.05 16.45 -6.33
CA HIS B 143 -12.11 17.87 -6.70
C HIS B 143 -13.47 18.54 -6.43
N LYS B 144 -14.61 17.87 -6.76
CA LYS B 144 -15.98 18.39 -6.67
C LYS B 144 -16.70 18.08 -5.33
N TYR B 145 -15.96 17.68 -4.28
CA TYR B 145 -16.43 17.60 -2.90
C TYR B 145 -16.22 18.94 -2.17
N HIS B 146 -14.98 19.52 -2.25
CA HIS B 146 -14.59 20.81 -1.67
C HIS B 146 -14.12 21.82 -2.75
CHA HEM C . 14.93 3.71 14.95
CHB HEM C . 11.83 0.13 14.37
CHC HEM C . 8.98 3.13 11.86
CHD HEM C . 12.23 6.56 12.16
C1A HEM C . 14.32 2.49 15.03
C2A HEM C . 14.95 1.30 15.54
C3A HEM C . 14.12 0.28 15.34
C4A HEM C . 12.94 0.85 14.71
CMA HEM C . 14.21 -1.19 15.75
CAA HEM C . 16.40 1.26 16.09
CBA HEM C . 16.29 1.38 17.55
CGA HEM C . 17.71 1.23 18.08
O1A HEM C . 17.74 1.47 19.26
O2A HEM C . 18.75 0.93 17.40
C1B HEM C . 10.77 0.64 13.62
C2B HEM C . 9.64 -0.16 13.19
C3B HEM C . 8.76 0.69 12.50
C4B HEM C . 9.45 2.00 12.48
CMB HEM C . 9.41 -1.64 13.51
CAB HEM C . 7.47 0.42 11.83
CBB HEM C . 6.92 -0.73 11.60
C1C HEM C . 9.57 4.33 11.69
C2C HEM C . 9.13 5.39 10.88
C3C HEM C . 10.06 6.41 10.98
C4C HEM C . 11.12 5.91 11.79
CMC HEM C . 7.81 5.44 10.15
CAC HEM C . 10.07 7.74 10.29
CBC HEM C . 9.65 8.01 9.08
C1D HEM C . 13.27 6.05 12.95
C2D HEM C . 14.52 6.83 13.20
C3D HEM C . 15.25 6.04 13.99
C4D HEM C . 14.44 4.81 14.22
CMD HEM C . 14.90 8.21 12.71
CAD HEM C . 16.64 6.37 14.54
CBD HEM C . 17.63 5.87 13.48
CGD HEM C . 19.06 6.13 13.88
O1D HEM C . 19.38 7.17 14.33
O2D HEM C . 19.96 5.36 13.69
NA HEM C . 13.12 2.14 14.48
NB HEM C . 10.62 1.88 13.13
NC HEM C . 10.78 4.70 12.25
ND HEM C . 13.27 4.85 13.55
FE HEM C . 11.86 3.51 13.55
HHB HEM C . 11.82 -0.82 14.61
HHC HEM C . 8.11 3.05 11.44
HHD HEM C . 12.36 7.45 11.81
HMA HEM C . 13.46 -1.43 16.35
HMAA HEM C . 14.15 -1.74 14.93
HMAB HEM C . 15.06 -1.36 16.21
HAA HEM C . 16.99 1.92 15.68
HAAA HEM C . 16.72 0.35 15.85
HBA HEM C . 15.72 0.68 17.93
HBAA HEM C . 15.95 2.28 17.77
HMB HEM C . 10.05 -2.06 14.15
HMBA HEM C . 8.51 -1.73 13.90
HMBB HEM C . 9.45 -2.16 12.67
HAB HEM C . 7.00 1.14 11.36
HBB HEM C . 6.08 -0.73 11.10
HBBA HEM C . 7.24 -1.58 11.93
HMC HEM C . 7.10 4.95 10.64
HMCA HEM C . 7.51 6.38 10.07
HMCB HEM C . 7.91 5.05 9.24
HAC HEM C . 10.75 8.41 10.52
HBC HEM C . 9.81 8.89 8.71
HBCA HEM C . 9.04 7.41 8.61
HMD HEM C . 14.15 8.69 12.28
HMDA HEM C . 15.20 8.74 13.48
HMDB HEM C . 15.65 8.14 12.07
HAD HEM C . 16.73 7.35 14.66
HADA HEM C . 16.80 5.93 15.40
HBD HEM C . 17.51 4.89 13.36
HBDA HEM C . 17.45 6.31 12.61
HHA HEM C . 15.80 3.84 15.36
CHA HEM D . -18.59 3.58 -10.51
CHB HEM D . -13.99 4.90 -11.45
CHC HEM D . -12.93 4.62 -6.76
CHD HEM D . -17.35 2.93 -5.89
C1A HEM D . -17.38 3.98 -11.13
C2A HEM D . -17.23 4.00 -12.53
C3A HEM D . -15.98 4.37 -12.82
C4A HEM D . -15.30 4.52 -11.60
CMA HEM D . -15.47 4.48 -14.27
CAA HEM D . -18.32 3.66 -13.58
CBA HEM D . -19.21 4.84 -13.82
CGA HEM D . -20.15 4.55 -14.98
O1A HEM D . -20.50 5.56 -15.61
O2A HEM D . -20.55 3.40 -15.31
C1B HEM D . -13.28 4.96 -10.27
C2B HEM D . -11.86 5.29 -10.17
C3B HEM D . -11.50 5.24 -8.83
C4B HEM D . -12.81 4.87 -8.12
CMB HEM D . -10.95 5.62 -11.36
CAB HEM D . -10.17 5.45 -8.08
CBB HEM D . -8.99 5.49 -8.61
C1C HEM D . -13.99 4.06 -6.07
C2C HEM D . -14.01 3.68 -4.69
C3C HEM D . -15.27 3.19 -4.44
C4C HEM D . -16.04 3.34 -5.68
CMC HEM D . -12.81 3.72 -3.71
CAC HEM D . -15.85 2.62 -3.18
CBC HEM D . -15.29 2.41 -1.99
C1D HEM D . -18.02 2.94 -7.10
C2D HEM D . -19.41 2.44 -7.21
C3D HEM D . -19.74 2.67 -8.49
C4D HEM D . -18.58 3.26 -9.16
CMD HEM D . -20.31 1.85 -6.09
CAD HEM D . -21.11 2.32 -9.13
CBD HEM D . -21.05 0.84 -9.55
CGD HEM D . -22.30 0.44 -10.34
O1D HEM D . -22.42 -0.75 -10.56
O2D HEM D . -23.14 1.26 -10.79
NA HEM D . -16.15 4.28 -10.54
NB HEM D . -13.73 4.67 -9.05
NC HEM D . -15.25 3.83 -6.65
ND HEM D . -17.56 3.43 -8.28
FE HEM D . -15.76 4.25 -8.59
HHB HEM D . -13.52 5.08 -12.28
HHC HEM D . -12.13 4.77 -6.24
HHD HEM D . -17.83 2.56 -5.13
HMA HEM D . -16.08 5.07 -14.79
HMAA HEM D . -14.55 4.83 -14.32
HMAB HEM D . -15.49 3.57 -14.67
HAA HEM D . -18.88 2.90 -13.25
HAAA HEM D . -17.93 3.34 -14.43
HBA HEM D . -18.64 5.63 -14.03
HBAA HEM D . -19.73 5.03 -13.01
HMB HEM D . -11.44 5.92 -12.17
HMBA HEM D . -10.37 6.38 -11.10
HMBB HEM D . -10.40 4.84 -11.58
HAB HEM D . -10.16 5.38 -7.11
HBB HEM D . -8.22 5.58 -8.02
HBBA HEM D . -8.85 5.51 -9.57
HMC HEM D . -11.99 4.08 -4.11
HMCA HEM D . -13.07 4.27 -2.94
HMCB HEM D . -12.64 2.79 -3.40
HAC HEM D . -16.77 2.33 -3.19
HBC HEM D . -15.83 2.02 -1.28
HBCA HEM D . -14.37 2.63 -1.77
HMD HEM D . -19.77 1.31 -5.47
HMDA HEM D . -20.75 2.59 -5.60
HMDB HEM D . -20.99 1.26 -6.50
HAD HEM D . -21.83 2.43 -8.46
HADA HEM D . -21.30 2.91 -9.90
HBD HEM D . -20.28 0.70 -10.15
HBDA HEM D . -20.97 0.27 -8.75
HHA HEM D . -19.38 3.42 -11.04
#